data_6NNS
#
_entry.id   6NNS
#
_cell.length_a   43.720
_cell.length_b   54.520
_cell.length_c   172.480
_cell.angle_alpha   90.00
_cell.angle_beta   90.00
_cell.angle_gamma   90.00
#
_symmetry.space_group_name_H-M   'P 21 21 21'
#
loop_
_entity.id
_entity.type
_entity.pdbx_description
1 polymer Phosphoglucomutase
2 non-polymer 'CALCIUM ION'
3 non-polymer 6-O-phosphono-alpha-D-glucopyranose
4 water water
#
_entity_poly.entity_id   1
_entity_poly.type   'polypeptide(L)'
_entity_poly.pdbx_seq_one_letter_code
;MGSSHHHHHHSSENLYFQSHMTLPAFKAYDIRGRVPDELNEDLARRIGVALAAQLDQGPVVLGHDVRLASPALQEALSAG
LRASGRDVIDIGLCGTEEVYFQTDYLKAAGGVMVTA(SEP)HNPMDYNGMKLVREQARPISSDTGLFAIRDTVAADTAAP
GEPTASEQSRTDKTAYLEHLLSYVDRSTLKPLKLVVNAGNGGAGLIVDLLAPHLPFEFVRVFHEPDGNFPNGIPNPLLPE
NRDATAKAVKDNGADFGIAWDGDFDRCFFFDHTGRFIEGYYLVGLLAQAILAKQPGGKVVHDPRLTWNTVEQVEEAGGIP
VLCKSGHAFIKEKMRSENAVYGGEMSAHHYFREFAYADSGMIPWLLIAELVSQSGRSLADLVEARMQKFPCSGEINFKVA
DAKASVARVMEHYASLSPELDYTDGISADFGQWRFNLRSSNTEPLLRLNVETRGDAALLETRTQEISNLLRG
;
_entity_poly.pdbx_strand_id   A
#
loop_
_chem_comp.id
_chem_comp.type
_chem_comp.name
_chem_comp.formula
CA non-polymer 'CALCIUM ION' 'Ca 2'
G6P D-saccharide, alpha linking 6-O-phosphono-alpha-D-glucopyranose 'C6 H13 O9 P'
#
# COMPACT_ATOMS: atom_id res chain seq x y z
N MET A 21 28.49 -12.72 3.24
CA MET A 21 27.07 -12.45 3.37
C MET A 21 26.51 -11.66 2.17
N THR A 22 25.33 -11.07 2.35
CA THR A 22 24.70 -10.24 1.34
C THR A 22 24.28 -8.92 1.97
N LEU A 23 24.08 -7.93 1.12
CA LEU A 23 23.62 -6.62 1.60
C LEU A 23 22.23 -6.75 2.23
N PRO A 24 22.09 -6.46 3.52
CA PRO A 24 20.79 -6.68 4.18
C PRO A 24 19.69 -5.76 3.68
N ALA A 25 20.03 -4.61 3.10
CA ALA A 25 19.00 -3.66 2.70
C ALA A 25 18.10 -4.21 1.60
N PHE A 26 18.55 -5.20 0.85
CA PHE A 26 17.76 -5.72 -0.26
C PHE A 26 16.76 -6.73 0.29
N LYS A 27 15.50 -6.33 0.32
CA LYS A 27 14.43 -7.17 0.81
C LYS A 27 13.67 -7.79 -0.35
N ALA A 28 12.60 -8.52 -0.03
CA ALA A 28 11.82 -9.17 -1.06
C ALA A 28 11.17 -8.17 -2.01
N TYR A 29 10.63 -7.06 -1.47
CA TYR A 29 9.88 -6.13 -2.31
C TYR A 29 10.59 -4.82 -2.60
N ASP A 30 11.61 -4.46 -1.83
CA ASP A 30 12.19 -3.13 -1.95
C ASP A 30 13.54 -3.12 -1.24
N ILE A 31 14.14 -1.94 -1.20
CA ILE A 31 15.41 -1.73 -0.50
C ILE A 31 15.08 -0.89 0.72
N ARG A 32 15.61 -1.29 1.88
CA ARG A 32 15.26 -0.67 3.15
C ARG A 32 16.40 -0.94 4.09
N GLY A 33 16.96 0.10 4.67
CA GLY A 33 17.93 -0.16 5.72
C GLY A 33 18.41 1.09 6.41
N ARG A 34 19.23 0.87 7.43
CA ARG A 34 19.79 1.96 8.21
C ARG A 34 20.84 2.71 7.40
N VAL A 35 20.78 4.04 7.46
CA VAL A 35 21.79 4.90 6.84
C VAL A 35 22.81 5.21 7.92
N PRO A 36 24.13 5.09 7.65
CA PRO A 36 24.70 4.75 6.36
C PRO A 36 25.28 3.34 6.24
N ASP A 37 25.10 2.49 7.25
CA ASP A 37 25.78 1.20 7.20
C ASP A 37 25.08 0.21 6.26
N GLU A 38 23.76 0.33 6.09
CA GLU A 38 23.03 -0.55 5.19
C GLU A 38 22.61 0.12 3.89
N LEU A 39 22.53 1.45 3.87
CA LEU A 39 22.18 2.19 2.66
C LEU A 39 22.84 3.54 2.75
N ASN A 40 23.42 4.00 1.64
CA ASN A 40 24.14 5.27 1.65
C ASN A 40 24.25 5.76 0.22
N GLU A 41 24.89 6.91 0.04
CA GLU A 41 24.97 7.52 -1.29
C GLU A 41 25.79 6.68 -2.26
N ASP A 42 26.86 6.04 -1.77
CA ASP A 42 27.67 5.18 -2.63
C ASP A 42 26.86 3.99 -3.10
N LEU A 43 26.17 3.31 -2.19
CA LEU A 43 25.29 2.22 -2.57
C LEU A 43 24.19 2.70 -3.51
N ALA A 44 23.63 3.89 -3.25
CA ALA A 44 22.56 4.42 -4.09
C ALA A 44 23.06 4.67 -5.51
N ARG A 45 24.26 5.23 -5.65
CA ARG A 45 24.82 5.46 -6.98
C ARG A 45 25.04 4.13 -7.69
N ARG A 46 25.60 3.14 -6.99
CA ARG A 46 25.78 1.83 -7.59
C ARG A 46 24.45 1.17 -7.96
N ILE A 47 23.40 1.39 -7.15
CA ILE A 47 22.08 0.89 -7.51
C ILE A 47 21.61 1.52 -8.82
N GLY A 48 21.83 2.82 -8.98
CA GLY A 48 21.47 3.47 -10.24
C GLY A 48 22.18 2.87 -11.44
N VAL A 49 23.49 2.63 -11.30
CA VAL A 49 24.25 2.01 -12.37
C VAL A 49 23.67 0.62 -12.68
N ALA A 50 23.40 -0.16 -11.64
CA ALA A 50 22.94 -1.53 -11.82
C ALA A 50 21.54 -1.55 -12.40
N LEU A 51 20.70 -0.62 -11.98
CA LEU A 51 19.33 -0.55 -12.51
C LEU A 51 19.34 -0.25 -14.00
N ALA A 52 20.24 0.63 -14.43
CA ALA A 52 20.32 0.96 -15.85
C ALA A 52 20.52 -0.29 -16.70
N ALA A 53 21.30 -1.25 -16.20
CA ALA A 53 21.56 -2.48 -16.95
C ALA A 53 20.39 -3.45 -16.95
N GLN A 54 19.41 -3.25 -16.07
CA GLN A 54 18.29 -4.17 -15.92
C GLN A 54 17.05 -3.73 -16.69
N LEU A 55 17.03 -2.52 -17.20
CA LEU A 55 15.82 -1.97 -17.80
C LEU A 55 15.88 -2.00 -19.32
N ASP A 56 14.70 -2.09 -19.92
CA ASP A 56 14.49 -1.87 -21.34
C ASP A 56 14.72 -0.38 -21.63
N GLN A 57 14.47 0.04 -22.86
CA GLN A 57 14.91 1.36 -23.30
C GLN A 57 14.08 2.48 -22.67
N GLY A 58 14.75 3.61 -22.38
CA GLY A 58 14.02 4.79 -21.96
C GLY A 58 14.59 5.52 -20.77
N PRO A 59 13.96 6.63 -20.39
CA PRO A 59 14.41 7.39 -19.23
C PRO A 59 13.89 6.76 -17.94
N VAL A 60 14.37 7.29 -16.83
CA VAL A 60 14.02 6.76 -15.51
C VAL A 60 13.47 7.90 -14.67
N VAL A 61 12.30 7.67 -14.08
CA VAL A 61 11.64 8.63 -13.21
C VAL A 61 12.18 8.47 -11.80
N LEU A 62 12.50 9.58 -11.15
CA LEU A 62 12.96 9.56 -9.77
C LEU A 62 12.13 10.51 -8.93
N GLY A 63 11.70 10.03 -7.76
CA GLY A 63 11.02 10.86 -6.78
C GLY A 63 11.45 10.48 -5.38
N HIS A 64 11.06 11.30 -4.41
CA HIS A 64 11.50 11.06 -3.04
C HIS A 64 10.45 11.54 -2.05
N ASP A 65 10.52 11.02 -0.83
CA ASP A 65 9.59 11.37 0.23
C ASP A 65 10.16 12.50 1.10
N VAL A 66 9.50 12.77 2.23
CA VAL A 66 9.87 13.91 3.07
C VAL A 66 11.09 13.69 3.95
N ARG A 67 11.64 12.47 4.00
CA ARG A 67 12.74 12.22 4.93
C ARG A 67 13.93 13.11 4.58
N LEU A 68 14.67 13.51 5.62
CA LEU A 68 15.72 14.52 5.44
C LEU A 68 16.78 14.06 4.46
N ALA A 69 17.14 12.78 4.51
CA ALA A 69 18.21 12.24 3.67
C ALA A 69 17.74 11.80 2.29
N SER A 70 16.43 11.79 2.03
CA SER A 70 15.96 11.26 0.75
C SER A 70 16.49 11.99 -0.47
N PRO A 71 16.56 13.33 -0.51
CA PRO A 71 17.06 13.99 -1.74
C PRO A 71 18.47 13.56 -2.11
N ALA A 72 19.37 13.46 -1.13
CA ALA A 72 20.74 13.06 -1.42
C ALA A 72 20.81 11.65 -1.98
N LEU A 73 19.96 10.76 -1.48
CA LEU A 73 19.92 9.40 -2.02
C LEU A 73 19.40 9.41 -3.45
N GLN A 74 18.39 10.24 -3.72
CA GLN A 74 17.90 10.37 -5.08
C GLN A 74 18.97 10.94 -6.00
N GLU A 75 19.69 11.96 -5.52
CA GLU A 75 20.75 12.54 -6.35
C GLU A 75 21.83 11.51 -6.68
N ALA A 76 22.15 10.64 -5.73
CA ALA A 76 23.14 9.59 -5.99
C ALA A 76 22.61 8.60 -7.02
N LEU A 77 21.35 8.18 -6.89
CA LEU A 77 20.73 7.36 -7.92
C LEU A 77 20.81 8.03 -9.28
N SER A 78 20.51 9.33 -9.32
CA SER A 78 20.54 10.03 -10.59
C SER A 78 21.93 10.05 -11.19
N ALA A 79 22.94 10.28 -10.35
CA ALA A 79 24.32 10.28 -10.83
C ALA A 79 24.69 8.94 -11.43
N GLY A 80 24.28 7.84 -10.78
CA GLY A 80 24.61 6.53 -11.31
C GLY A 80 23.85 6.23 -12.60
N LEU A 81 22.57 6.59 -12.64
CA LEU A 81 21.79 6.37 -13.86
C LEU A 81 22.37 7.16 -15.03
N ARG A 82 22.73 8.42 -14.78
CA ARG A 82 23.22 9.26 -15.87
C ARG A 82 24.61 8.88 -16.31
N ALA A 83 25.45 8.40 -15.39
CA ALA A 83 26.75 7.86 -15.79
C ALA A 83 26.57 6.65 -16.69
N SER A 84 25.44 5.97 -16.59
CA SER A 84 25.13 4.81 -17.40
C SER A 84 24.32 5.19 -18.62
N GLY A 85 24.21 6.47 -18.93
CA GLY A 85 23.55 6.92 -20.14
C GLY A 85 22.04 6.96 -20.07
N ARG A 86 21.45 6.91 -18.88
CA ARG A 86 20.01 7.05 -18.73
C ARG A 86 19.64 8.49 -18.47
N ASP A 87 18.75 9.04 -19.29
CA ASP A 87 18.11 10.30 -18.95
C ASP A 87 17.25 10.11 -17.70
N VAL A 88 17.24 11.13 -16.85
CA VAL A 88 16.52 11.07 -15.58
C VAL A 88 15.43 12.13 -15.62
N ILE A 89 14.23 11.74 -15.20
CA ILE A 89 13.08 12.63 -15.03
C ILE A 89 12.86 12.77 -13.53
N ASP A 90 13.25 13.91 -12.98
CA ASP A 90 13.17 14.19 -11.55
C ASP A 90 11.80 14.78 -11.27
N ILE A 91 10.91 14.01 -10.64
CA ILE A 91 9.58 14.52 -10.30
C ILE A 91 9.54 15.11 -8.89
N GLY A 92 10.65 15.10 -8.18
CA GLY A 92 10.77 15.83 -6.93
C GLY A 92 10.10 15.15 -5.76
N LEU A 93 9.80 15.96 -4.75
CA LEU A 93 9.11 15.49 -3.56
C LEU A 93 7.70 15.02 -3.94
N CYS A 94 7.38 13.77 -3.64
CA CYS A 94 6.15 13.20 -4.17
C CYS A 94 5.74 11.99 -3.33
N GLY A 95 4.59 11.43 -3.67
CA GLY A 95 4.21 10.14 -3.15
C GLY A 95 4.68 9.04 -4.04
N THR A 96 4.73 7.84 -3.46
CA THR A 96 5.16 6.67 -4.21
C THR A 96 4.30 6.45 -5.44
N GLU A 97 2.99 6.66 -5.31
CA GLU A 97 2.10 6.48 -6.46
C GLU A 97 2.40 7.47 -7.60
N GLU A 98 3.01 8.62 -7.29
CA GLU A 98 3.38 9.54 -8.35
C GLU A 98 4.54 8.98 -9.17
N VAL A 99 5.47 8.28 -8.52
CA VAL A 99 6.51 7.60 -9.31
C VAL A 99 5.88 6.54 -10.19
N TYR A 100 4.94 5.77 -9.66
CA TYR A 100 4.24 4.79 -10.48
C TYR A 100 3.55 5.48 -11.64
N PHE A 101 2.76 6.52 -11.33
CA PHE A 101 1.96 7.15 -12.35
C PHE A 101 2.83 7.76 -13.43
N GLN A 102 3.85 8.54 -13.04
CA GLN A 102 4.69 9.21 -14.04
C GLN A 102 5.52 8.22 -14.83
N THR A 103 6.00 7.16 -14.19
CA THR A 103 6.73 6.13 -14.94
C THR A 103 5.86 5.57 -16.06
N ASP A 104 4.61 5.26 -15.77
CA ASP A 104 3.72 4.74 -16.79
C ASP A 104 3.30 5.82 -17.77
N TYR A 105 2.86 6.97 -17.26
CA TYR A 105 2.31 8.03 -18.10
C TYR A 105 3.34 8.53 -19.11
N LEU A 106 4.58 8.72 -18.67
CA LEU A 106 5.65 9.22 -19.51
C LEU A 106 6.35 8.13 -20.31
N LYS A 107 5.85 6.90 -20.25
CA LYS A 107 6.41 5.77 -21.00
C LYS A 107 7.91 5.62 -20.72
N ALA A 108 8.25 5.76 -19.44
CA ALA A 108 9.64 5.66 -19.03
C ALA A 108 10.06 4.21 -18.94
N ALA A 109 11.38 4.00 -18.93
CA ALA A 109 11.89 2.65 -18.76
C ALA A 109 11.69 2.13 -17.36
N GLY A 110 11.55 3.01 -16.37
CA GLY A 110 11.40 2.58 -15.00
C GLY A 110 11.38 3.78 -14.09
N GLY A 111 11.37 3.49 -12.80
CA GLY A 111 11.25 4.55 -11.82
C GLY A 111 11.77 4.08 -10.48
N VAL A 112 12.22 5.04 -9.68
CA VAL A 112 12.61 4.76 -8.30
C VAL A 112 12.00 5.81 -7.40
N MET A 113 11.35 5.36 -6.32
CA MET A 113 10.87 6.22 -5.25
C MET A 113 11.82 6.02 -4.07
N VAL A 114 12.41 7.10 -3.59
CA VAL A 114 13.22 7.05 -2.38
C VAL A 114 12.28 7.29 -1.22
N THR A 115 12.06 6.25 -0.42
CA THR A 115 11.10 6.36 0.67
C THR A 115 11.48 5.40 1.79
N ALA A 116 11.25 5.85 3.01
CA ALA A 116 11.65 5.14 4.24
C ALA A 116 10.43 4.56 4.91
N SEP A 117 9.26 4.85 4.34
N SEP A 117 9.26 4.85 4.35
CA SEP A 117 8.00 4.42 4.91
CA SEP A 117 8.02 4.35 4.92
CB SEP A 117 7.79 2.91 4.73
CB SEP A 117 7.95 2.83 4.82
OG SEP A 117 6.72 2.43 5.53
OG SEP A 117 6.91 2.30 5.61
C SEP A 117 7.91 4.84 6.39
C SEP A 117 7.91 4.81 6.37
O SEP A 117 8.12 6.00 6.72
O SEP A 117 8.09 5.99 6.66
P SEP A 117 5.27 2.65 4.86
O1P SEP A 117 4.61 1.22 4.57
O2P SEP A 117 4.36 3.44 5.94
O3P SEP A 117 5.42 3.49 3.50
N HIS A 118 7.63 3.88 7.28
CA HIS A 118 7.58 4.22 8.70
C HIS A 118 8.72 3.60 9.51
N ASN A 119 9.84 3.37 8.83
CA ASN A 119 11.03 2.87 9.51
C ASN A 119 11.67 4.01 10.30
N PRO A 120 12.59 3.70 11.22
CA PRO A 120 13.14 4.73 12.12
C PRO A 120 13.79 5.89 11.37
N MET A 121 14.13 6.92 12.15
CA MET A 121 14.64 8.17 11.57
C MET A 121 15.94 7.96 10.83
N ASP A 122 16.75 6.99 11.24
CA ASP A 122 18.04 6.73 10.60
C ASP A 122 17.94 5.71 9.47
N TYR A 123 16.73 5.46 8.96
CA TYR A 123 16.50 4.50 7.90
C TYR A 123 16.04 5.21 6.65
N ASN A 124 16.31 4.58 5.51
CA ASN A 124 15.70 5.01 4.26
C ASN A 124 15.52 3.79 3.36
N GLY A 125 15.10 4.02 2.13
CA GLY A 125 14.87 2.89 1.26
C GLY A 125 14.47 3.34 -0.13
N MET A 126 14.18 2.35 -0.97
CA MET A 126 13.82 2.61 -2.35
C MET A 126 12.82 1.57 -2.81
N LYS A 127 11.87 2.00 -3.63
CA LYS A 127 10.97 1.10 -4.34
C LYS A 127 11.21 1.31 -5.81
N LEU A 128 11.45 0.21 -6.53
CA LEU A 128 11.90 0.29 -7.91
C LEU A 128 10.87 -0.35 -8.81
N VAL A 129 10.64 0.26 -9.98
CA VAL A 129 9.71 -0.27 -10.97
C VAL A 129 10.35 -0.19 -12.34
N ARG A 130 9.86 -1.03 -13.25
CA ARG A 130 10.29 -0.97 -14.65
C ARG A 130 9.15 -0.39 -15.50
N GLU A 131 9.08 -0.82 -16.76
CA GLU A 131 8.10 -0.23 -17.68
C GLU A 131 6.68 -0.46 -17.15
N GLN A 132 5.79 0.49 -17.45
CA GLN A 132 4.39 0.50 -16.96
C GLN A 132 4.31 0.38 -15.44
N ALA A 133 5.35 0.83 -14.74
CA ALA A 133 5.44 0.73 -13.28
C ALA A 133 5.33 -0.71 -12.79
N ARG A 134 5.76 -1.67 -13.59
CA ARG A 134 5.76 -3.05 -13.12
C ARG A 134 6.80 -3.22 -12.02
N PRO A 135 6.47 -3.91 -10.92
CA PRO A 135 7.41 -3.99 -9.80
C PRO A 135 8.70 -4.70 -10.16
N ILE A 136 9.77 -4.25 -9.54
CA ILE A 136 11.05 -4.95 -9.51
C ILE A 136 11.18 -5.50 -8.10
N SER A 137 11.16 -6.83 -7.96
CA SER A 137 11.19 -7.49 -6.67
C SER A 137 12.37 -8.45 -6.64
N SER A 138 12.55 -9.11 -5.49
CA SER A 138 13.75 -9.92 -5.26
C SER A 138 14.02 -10.86 -6.42
N ASP A 139 12.99 -11.56 -6.90
CA ASP A 139 13.18 -12.55 -7.94
C ASP A 139 12.90 -12.01 -9.33
N THR A 140 12.64 -10.71 -9.47
CA THR A 140 12.35 -10.09 -10.76
C THR A 140 13.29 -8.91 -11.03
N GLY A 141 14.51 -8.96 -10.50
CA GLY A 141 15.49 -7.95 -10.80
C GLY A 141 16.19 -7.39 -9.58
N LEU A 142 15.52 -7.39 -8.43
CA LEU A 142 16.08 -6.69 -7.28
C LEU A 142 17.32 -7.40 -6.74
N PHE A 143 17.29 -8.74 -6.66
CA PHE A 143 18.50 -9.44 -6.22
C PHE A 143 19.57 -9.46 -7.31
N ALA A 144 19.16 -9.39 -8.58
CA ALA A 144 20.16 -9.21 -9.63
C ALA A 144 20.88 -7.89 -9.45
N ILE A 145 20.13 -6.83 -9.13
CA ILE A 145 20.73 -5.53 -8.86
C ILE A 145 21.63 -5.62 -7.64
N ARG A 146 21.14 -6.25 -6.56
CA ARG A 146 21.94 -6.42 -5.36
C ARG A 146 23.26 -7.09 -5.69
N ASP A 147 23.22 -8.18 -6.46
CA ASP A 147 24.43 -8.93 -6.75
C ASP A 147 25.40 -8.11 -7.59
N THR A 148 24.89 -7.32 -8.54
CA THR A 148 25.74 -6.43 -9.31
C THR A 148 26.39 -5.37 -8.41
N VAL A 149 25.58 -4.73 -7.56
CA VAL A 149 26.08 -3.72 -6.64
C VAL A 149 27.13 -4.31 -5.73
N ALA A 150 26.90 -5.54 -5.27
CA ALA A 150 27.81 -6.17 -4.31
C ALA A 150 29.19 -6.35 -4.89
N ALA A 151 29.28 -6.67 -6.18
CA ALA A 151 30.55 -6.96 -6.82
C ALA A 151 31.17 -5.76 -7.52
N ASP A 152 30.45 -4.65 -7.59
CA ASP A 152 30.86 -3.49 -8.39
C ASP A 152 31.90 -2.67 -7.63
N THR A 153 33.16 -2.74 -8.09
CA THR A 153 34.24 -1.93 -7.57
C THR A 153 34.76 -0.93 -8.61
N ALA A 154 34.00 -0.69 -9.68
CA ALA A 154 34.45 0.22 -10.71
C ALA A 154 34.46 1.66 -10.20
N ALA A 155 35.33 2.47 -10.78
CA ALA A 155 35.31 3.89 -10.47
C ALA A 155 34.04 4.50 -11.05
N PRO A 156 33.44 5.47 -10.37
CA PRO A 156 32.23 6.10 -10.92
C PRO A 156 32.55 6.86 -12.20
N GLY A 157 31.73 6.62 -13.22
CA GLY A 157 31.85 7.36 -14.45
C GLY A 157 31.24 8.73 -14.31
N GLU A 158 31.39 9.52 -15.35
CA GLU A 158 30.73 10.81 -15.30
C GLU A 158 29.44 10.75 -16.11
N PRO A 159 28.51 11.68 -15.87
CA PRO A 159 27.22 11.62 -16.57
C PRO A 159 27.39 11.76 -18.08
N THR A 160 26.68 10.90 -18.81
CA THR A 160 26.56 10.98 -20.27
C THR A 160 25.11 11.18 -20.67
N ALA A 161 24.25 11.54 -19.73
CA ALA A 161 22.85 11.79 -20.00
C ALA A 161 22.38 12.89 -19.07
N SER A 162 21.23 13.45 -19.38
CA SER A 162 20.74 14.65 -18.73
C SER A 162 19.68 14.31 -17.69
N GLU A 163 19.47 15.25 -16.77
CA GLU A 163 18.36 15.21 -15.84
C GLU A 163 17.45 16.39 -16.14
N GLN A 164 16.15 16.14 -16.18
CA GLN A 164 15.20 17.22 -16.30
C GLN A 164 14.23 17.18 -15.13
N SER A 165 13.87 18.37 -14.64
CA SER A 165 12.93 18.48 -13.55
C SER A 165 11.53 18.59 -14.15
N ARG A 166 10.65 17.67 -13.75
CA ARG A 166 9.27 17.62 -14.26
C ARG A 166 8.37 17.57 -13.03
N THR A 167 7.92 18.75 -12.60
CA THR A 167 7.09 18.85 -11.41
C THR A 167 5.63 19.11 -11.73
N ASP A 168 5.26 19.12 -13.02
CA ASP A 168 3.86 19.32 -13.40
C ASP A 168 3.07 18.11 -12.95
N LYS A 169 2.06 18.35 -12.11
CA LYS A 169 1.21 17.27 -11.63
C LYS A 169 -0.14 17.25 -12.33
N THR A 170 -0.33 18.08 -13.37
CA THR A 170 -1.64 18.21 -14.00
C THR A 170 -2.21 16.87 -14.43
N ALA A 171 -1.45 16.08 -15.20
CA ALA A 171 -1.96 14.79 -15.67
C ALA A 171 -2.30 13.87 -14.52
N TYR A 172 -1.46 13.87 -13.47
CA TYR A 172 -1.75 13.06 -12.30
C TYR A 172 -3.03 13.51 -11.63
N LEU A 173 -3.19 14.82 -11.42
CA LEU A 173 -4.38 15.32 -10.76
C LEU A 173 -5.62 15.05 -11.61
N GLU A 174 -5.53 15.28 -12.92
CA GLU A 174 -6.65 14.96 -13.79
C GLU A 174 -7.00 13.49 -13.71
N HIS A 175 -5.98 12.62 -13.65
CA HIS A 175 -6.27 11.20 -13.56
C HIS A 175 -7.02 10.89 -12.28
N LEU A 176 -6.54 11.42 -11.14
CA LEU A 176 -7.25 11.17 -9.88
C LEU A 176 -8.70 11.61 -9.97
N LEU A 177 -8.94 12.80 -10.51
CA LEU A 177 -10.29 13.33 -10.54
C LEU A 177 -11.19 12.56 -11.50
N SER A 178 -10.60 11.82 -12.45
CA SER A 178 -11.40 11.08 -13.40
C SER A 178 -12.18 9.95 -12.76
N TYR A 179 -11.81 9.52 -11.56
CA TYR A 179 -12.53 8.43 -10.92
C TYR A 179 -13.88 8.83 -10.34
N VAL A 180 -14.21 10.12 -10.29
CA VAL A 180 -15.46 10.54 -9.69
C VAL A 180 -16.18 11.53 -10.60
N ASP A 181 -17.50 11.56 -10.46
CA ASP A 181 -18.35 12.52 -11.17
C ASP A 181 -18.45 13.72 -10.25
N ARG A 182 -17.70 14.78 -10.57
CA ARG A 182 -17.57 15.88 -9.63
C ARG A 182 -18.90 16.58 -9.36
N SER A 183 -19.80 16.61 -10.35
CA SER A 183 -21.10 17.25 -10.17
C SER A 183 -22.00 16.52 -9.18
N THR A 184 -21.67 15.26 -8.84
CA THR A 184 -22.46 14.52 -7.87
C THR A 184 -21.90 14.62 -6.46
N LEU A 185 -20.74 15.21 -6.29
CA LEU A 185 -20.12 15.29 -4.97
C LEU A 185 -20.84 16.35 -4.13
N LYS A 186 -21.00 16.04 -2.88
CA LYS A 186 -21.58 16.94 -1.91
C LYS A 186 -20.48 17.56 -1.08
N PRO A 187 -20.74 18.70 -0.43
CA PRO A 187 -19.69 19.38 0.35
C PRO A 187 -19.47 18.75 1.72
N LEU A 188 -19.04 17.49 1.69
CA LEU A 188 -18.71 16.78 2.91
C LEU A 188 -17.57 17.47 3.63
N LYS A 189 -17.56 17.32 4.94
CA LYS A 189 -16.49 17.81 5.79
C LYS A 189 -15.60 16.61 6.08
N LEU A 190 -14.36 16.69 5.63
CA LEU A 190 -13.44 15.56 5.69
C LEU A 190 -12.22 15.97 6.49
N VAL A 191 -11.90 15.18 7.52
CA VAL A 191 -10.61 15.33 8.18
C VAL A 191 -9.56 14.67 7.31
N VAL A 192 -8.43 15.36 7.10
CA VAL A 192 -7.30 14.80 6.39
C VAL A 192 -6.08 14.91 7.27
N ASN A 193 -5.34 13.80 7.40
CA ASN A 193 -4.19 13.74 8.29
C ASN A 193 -3.01 13.13 7.56
N ALA A 194 -2.14 13.99 7.04
CA ALA A 194 -0.93 13.56 6.33
C ALA A 194 0.15 13.04 7.28
N GLY A 195 -0.02 13.26 8.58
CA GLY A 195 0.96 12.82 9.56
C GLY A 195 2.32 13.44 9.33
N ASN A 196 2.38 14.62 8.70
CA ASN A 196 3.61 15.32 8.32
C ASN A 196 4.37 14.60 7.22
N GLY A 197 3.75 13.63 6.56
CA GLY A 197 4.25 13.11 5.31
C GLY A 197 3.86 13.98 4.15
N GLY A 198 3.73 13.37 2.97
CA GLY A 198 3.53 14.15 1.78
C GLY A 198 2.11 14.30 1.27
N ALA A 199 1.13 13.72 1.95
CA ALA A 199 -0.19 13.63 1.35
C ALA A 199 -0.86 15.00 1.23
N GLY A 200 -0.56 15.92 2.16
CA GLY A 200 -1.25 17.20 2.16
C GLY A 200 -1.04 18.00 0.89
N LEU A 201 0.15 17.85 0.29
CA LEU A 201 0.42 18.57 -0.96
C LEU A 201 -0.59 18.20 -2.02
N ILE A 202 -0.90 16.91 -2.14
CA ILE A 202 -1.86 16.48 -3.14
C ILE A 202 -3.28 16.90 -2.75
N VAL A 203 -3.63 16.75 -1.46
CA VAL A 203 -4.95 17.20 -1.03
C VAL A 203 -5.18 18.64 -1.42
N ASP A 204 -4.17 19.49 -1.18
CA ASP A 204 -4.34 20.91 -1.45
C ASP A 204 -4.42 21.22 -2.94
N LEU A 205 -3.73 20.43 -3.78
CA LEU A 205 -3.87 20.57 -5.22
C LEU A 205 -5.22 20.08 -5.72
N LEU A 206 -5.82 19.08 -5.06
CA LEU A 206 -7.14 18.62 -5.46
C LEU A 206 -8.26 19.53 -4.97
N ALA A 207 -8.06 20.15 -3.81
CA ALA A 207 -9.14 20.90 -3.15
C ALA A 207 -9.83 21.94 -4.02
N PRO A 208 -9.13 22.72 -4.87
CA PRO A 208 -9.86 23.70 -5.70
C PRO A 208 -10.87 23.08 -6.64
N HIS A 209 -10.76 21.78 -6.90
CA HIS A 209 -11.60 21.07 -7.85
C HIS A 209 -12.67 20.25 -7.17
N LEU A 210 -12.79 20.36 -5.85
CA LEU A 210 -13.70 19.54 -5.06
C LEU A 210 -14.50 20.45 -4.14
N PRO A 211 -15.71 20.02 -3.76
CA PRO A 211 -16.56 20.85 -2.88
C PRO A 211 -16.35 20.60 -1.39
N PHE A 212 -15.45 19.70 -1.02
CA PHE A 212 -15.32 19.30 0.37
C PHE A 212 -14.75 20.42 1.22
N GLU A 213 -15.10 20.39 2.51
CA GLU A 213 -14.48 21.24 3.51
C GLU A 213 -13.47 20.39 4.25
N PHE A 214 -12.19 20.75 4.13
CA PHE A 214 -11.13 19.95 4.72
C PHE A 214 -10.77 20.49 6.09
N VAL A 215 -10.58 19.57 7.02
CA VAL A 215 -10.00 19.86 8.34
C VAL A 215 -8.63 19.21 8.32
N ARG A 216 -7.58 20.02 8.31
CA ARG A 216 -6.24 19.54 8.05
C ARG A 216 -5.51 19.30 9.37
N VAL A 217 -5.08 18.06 9.58
CA VAL A 217 -4.36 17.67 10.78
C VAL A 217 -2.96 17.23 10.36
N PHE A 218 -1.95 17.66 11.13
CA PHE A 218 -0.55 17.27 10.86
C PHE A 218 -0.23 17.38 9.38
N HIS A 219 -0.55 18.53 8.82
CA HIS A 219 -0.67 18.67 7.38
C HIS A 219 0.64 19.02 6.69
N GLU A 220 1.53 19.71 7.37
CA GLU A 220 2.71 20.22 6.68
C GLU A 220 3.78 19.13 6.60
N PRO A 221 4.41 18.97 5.44
CA PRO A 221 5.50 17.98 5.34
C PRO A 221 6.64 18.37 6.26
N ASP A 222 7.09 17.42 7.06
CA ASP A 222 8.17 17.70 8.01
C ASP A 222 8.88 16.39 8.32
N GLY A 223 10.04 16.18 7.68
CA GLY A 223 10.81 14.97 7.87
C GLY A 223 11.41 14.82 9.26
N ASN A 224 11.29 15.84 10.11
CA ASN A 224 11.63 15.67 11.51
C ASN A 224 10.50 15.02 12.29
N PHE A 225 9.31 14.93 11.70
CA PHE A 225 8.18 14.23 12.28
C PHE A 225 7.89 14.64 13.73
N PRO A 226 7.56 15.90 13.98
CA PRO A 226 7.29 16.33 15.35
C PRO A 226 6.12 15.63 16.00
N ASN A 227 5.24 15.00 15.20
CA ASN A 227 4.06 14.32 15.71
C ASN A 227 4.15 12.81 15.51
N GLY A 228 5.36 12.29 15.35
CA GLY A 228 5.57 10.87 15.17
C GLY A 228 5.74 10.51 13.71
N ILE A 229 6.54 9.47 13.47
CA ILE A 229 6.70 8.95 12.11
C ILE A 229 5.32 8.53 11.60
N PRO A 230 4.95 8.83 10.35
CA PRO A 230 3.57 8.57 9.91
C PRO A 230 3.23 7.10 9.91
N ASN A 231 2.30 6.73 10.77
CA ASN A 231 1.84 5.35 10.86
C ASN A 231 0.45 5.36 11.51
N PRO A 232 -0.60 5.51 10.72
CA PRO A 232 -1.95 5.61 11.29
C PRO A 232 -2.41 4.37 12.02
N LEU A 233 -1.69 3.25 11.91
CA LEU A 233 -2.08 2.04 12.61
C LEU A 233 -1.69 2.07 14.08
N LEU A 234 -0.76 2.91 14.46
CA LEU A 234 -0.38 3.02 15.87
C LEU A 234 -1.47 3.78 16.61
N PRO A 235 -1.96 3.26 17.75
CA PRO A 235 -3.12 3.89 18.42
C PRO A 235 -2.96 5.38 18.70
N GLU A 236 -1.80 5.83 19.17
CA GLU A 236 -1.64 7.26 19.44
C GLU A 236 -1.85 8.08 18.18
N ASN A 237 -1.40 7.56 17.05
CA ASN A 237 -1.58 8.27 15.79
C ASN A 237 -3.01 8.17 15.30
N ARG A 238 -3.57 6.95 15.37
CA ARG A 238 -4.98 6.74 15.05
C ARG A 238 -5.86 7.73 15.79
N ASP A 239 -5.59 7.93 17.09
CA ASP A 239 -6.47 8.74 17.89
C ASP A 239 -6.46 10.20 17.47
N ALA A 240 -5.36 10.68 16.88
CA ALA A 240 -5.33 12.07 16.44
C ALA A 240 -6.36 12.33 15.35
N THR A 241 -6.53 11.38 14.43
CA THR A 241 -7.54 11.54 13.39
C THR A 241 -8.94 11.38 13.97
N ALA A 242 -9.13 10.36 14.81
CA ALA A 242 -10.44 10.13 15.43
C ALA A 242 -10.91 11.36 16.19
N LYS A 243 -10.00 11.97 16.96
CA LYS A 243 -10.37 13.15 17.75
C LYS A 243 -10.78 14.30 16.84
N ALA A 244 -10.04 14.53 15.75
CA ALA A 244 -10.40 15.61 14.84
C ALA A 244 -11.75 15.36 14.20
N VAL A 245 -12.05 14.11 13.86
CA VAL A 245 -13.34 13.81 13.27
C VAL A 245 -14.46 14.14 14.25
N LYS A 246 -14.33 13.63 15.48
CA LYS A 246 -15.38 13.81 16.47
C LYS A 246 -15.54 15.28 16.85
N ASP A 247 -14.42 15.97 17.10
CA ASP A 247 -14.48 17.36 17.54
C ASP A 247 -15.02 18.29 16.47
N ASN A 248 -14.92 17.92 15.20
CA ASN A 248 -15.34 18.80 14.12
C ASN A 248 -16.61 18.34 13.42
N GLY A 249 -17.20 17.25 13.88
CA GLY A 249 -18.39 16.73 13.23
C GLY A 249 -18.13 16.40 11.78
N ALA A 250 -16.95 15.86 11.47
CA ALA A 250 -16.62 15.55 10.10
C ALA A 250 -17.40 14.32 9.63
N ASP A 251 -17.67 14.28 8.32
CA ASP A 251 -18.37 13.13 7.76
C ASP A 251 -17.50 11.88 7.85
N PHE A 252 -16.21 12.02 7.54
CA PHE A 252 -15.24 10.99 7.79
C PHE A 252 -13.85 11.60 7.82
N GLY A 253 -12.88 10.79 8.24
CA GLY A 253 -11.49 11.21 8.26
C GLY A 253 -10.65 10.24 7.44
N ILE A 254 -9.56 10.76 6.88
CA ILE A 254 -8.60 9.99 6.09
C ILE A 254 -7.22 10.31 6.64
N ALA A 255 -6.43 9.27 6.89
CA ALA A 255 -5.03 9.42 7.23
C ALA A 255 -4.20 8.60 6.27
N TRP A 256 -2.93 9.00 6.10
CA TRP A 256 -2.04 8.32 5.17
C TRP A 256 -0.74 7.95 5.85
N ASP A 257 -0.07 6.95 5.29
CA ASP A 257 1.34 6.82 5.64
C ASP A 257 2.16 7.91 4.95
N GLY A 258 3.48 7.90 5.19
CA GLY A 258 4.28 9.05 4.81
C GLY A 258 4.37 9.26 3.31
N ASP A 259 4.48 8.16 2.55
CA ASP A 259 4.52 8.22 1.09
C ASP A 259 3.15 8.04 0.47
N PHE A 260 2.13 8.01 1.32
CA PHE A 260 0.70 8.05 0.99
C PHE A 260 0.23 7.04 -0.04
N ASP A 261 0.92 5.91 -0.15
CA ASP A 261 0.32 4.79 -0.89
C ASP A 261 -0.62 3.94 -0.05
N ARG A 262 -0.75 4.22 1.25
CA ARG A 262 -1.72 3.57 2.13
C ARG A 262 -2.64 4.64 2.72
N CYS A 263 -3.94 4.36 2.72
CA CYS A 263 -4.91 5.27 3.28
C CYS A 263 -5.73 4.54 4.33
N PHE A 264 -6.23 5.31 5.30
CA PHE A 264 -6.86 4.74 6.47
C PHE A 264 -8.08 5.58 6.78
N PHE A 265 -9.22 4.94 7.02
CA PHE A 265 -10.51 5.63 7.08
C PHE A 265 -11.09 5.59 8.48
N PHE A 266 -11.73 6.69 8.85
CA PHE A 266 -12.39 6.86 10.13
C PHE A 266 -13.79 7.36 9.86
N ASP A 267 -14.80 6.68 10.41
CA ASP A 267 -16.17 7.10 10.19
C ASP A 267 -16.51 8.32 11.06
N HIS A 268 -17.75 8.81 10.94
CA HIS A 268 -18.15 10.03 11.61
C HIS A 268 -18.16 9.90 13.12
N THR A 269 -18.10 8.67 13.65
CA THR A 269 -18.01 8.46 15.08
C THR A 269 -16.58 8.47 15.57
N GLY A 270 -15.61 8.63 14.66
CA GLY A 270 -14.21 8.52 14.99
C GLY A 270 -13.66 7.11 14.89
N ARG A 271 -14.51 6.12 14.60
CA ARG A 271 -14.10 4.72 14.59
C ARG A 271 -13.22 4.45 13.39
N PHE A 272 -12.07 3.80 13.62
CA PHE A 272 -11.23 3.38 12.53
C PHE A 272 -11.86 2.16 11.86
N ILE A 273 -11.95 2.18 10.53
CA ILE A 273 -12.55 1.09 9.79
C ILE A 273 -11.45 0.12 9.39
N GLU A 274 -11.57 -1.12 9.84
CA GLU A 274 -10.63 -2.15 9.45
C GLU A 274 -10.54 -2.26 7.93
N GLY A 275 -9.30 -2.31 7.43
CA GLY A 275 -9.08 -2.22 6.00
C GLY A 275 -9.74 -3.32 5.19
N TYR A 276 -9.95 -4.48 5.80
CA TYR A 276 -10.69 -5.55 5.12
C TYR A 276 -11.95 -5.03 4.46
N TYR A 277 -12.76 -4.27 5.21
CA TYR A 277 -14.06 -3.85 4.72
C TYR A 277 -13.97 -2.81 3.61
N LEU A 278 -12.84 -2.11 3.51
CA LEU A 278 -12.65 -1.18 2.41
C LEU A 278 -12.50 -1.89 1.08
N VAL A 279 -11.98 -3.13 1.08
CA VAL A 279 -11.83 -3.85 -0.18
C VAL A 279 -13.19 -4.08 -0.83
N GLY A 280 -14.15 -4.62 -0.07
CA GLY A 280 -15.48 -4.83 -0.62
C GLY A 280 -16.19 -3.54 -0.97
N LEU A 281 -16.02 -2.51 -0.13
CA LEU A 281 -16.66 -1.24 -0.38
C LEU A 281 -16.14 -0.61 -1.66
N LEU A 282 -14.82 -0.55 -1.82
CA LEU A 282 -14.24 0.02 -3.03
C LEU A 282 -14.60 -0.79 -4.27
N ALA A 283 -14.62 -2.12 -4.13
CA ALA A 283 -15.01 -2.96 -5.25
C ALA A 283 -16.41 -2.64 -5.72
N GLN A 284 -17.36 -2.48 -4.78
CA GLN A 284 -18.70 -2.11 -5.18
C GLN A 284 -18.71 -0.74 -5.85
N ALA A 285 -17.93 0.20 -5.31
CA ALA A 285 -17.88 1.53 -5.91
C ALA A 285 -17.35 1.47 -7.34
N ILE A 286 -16.31 0.66 -7.56
CA ILE A 286 -15.71 0.58 -8.89
C ILE A 286 -16.62 -0.20 -9.84
N LEU A 287 -17.26 -1.26 -9.35
CA LEU A 287 -18.07 -2.10 -10.22
C LEU A 287 -19.30 -1.35 -10.71
N ALA A 288 -19.73 -0.30 -10.00
CA ALA A 288 -20.77 0.57 -10.53
C ALA A 288 -20.33 1.26 -11.82
N LYS A 289 -19.05 1.58 -11.96
CA LYS A 289 -18.56 2.27 -13.16
C LYS A 289 -18.10 1.30 -14.24
N GLN A 290 -17.67 0.10 -13.87
CA GLN A 290 -17.13 -0.89 -14.80
C GLN A 290 -17.83 -2.22 -14.56
N PRO A 291 -19.05 -2.38 -15.08
CA PRO A 291 -19.85 -3.56 -14.73
C PRO A 291 -19.20 -4.86 -15.20
N GLY A 292 -19.39 -5.92 -14.40
CA GLY A 292 -18.89 -7.23 -14.74
C GLY A 292 -17.40 -7.43 -14.54
N GLY A 293 -16.70 -6.47 -13.95
CA GLY A 293 -15.26 -6.56 -13.89
C GLY A 293 -14.78 -7.59 -12.88
N LYS A 294 -13.54 -7.99 -13.06
CA LYS A 294 -12.88 -8.84 -12.08
C LYS A 294 -12.22 -7.99 -11.00
N VAL A 295 -12.22 -8.53 -9.80
CA VAL A 295 -11.62 -7.88 -8.65
C VAL A 295 -10.69 -8.87 -7.97
N VAL A 296 -9.44 -8.47 -7.77
CA VAL A 296 -8.43 -9.33 -7.18
C VAL A 296 -8.37 -9.03 -5.68
N HIS A 297 -8.33 -10.08 -4.87
CA HIS A 297 -8.26 -9.92 -3.43
C HIS A 297 -7.24 -10.91 -2.87
N ASP A 298 -6.80 -10.66 -1.65
CA ASP A 298 -5.79 -11.51 -1.02
C ASP A 298 -6.47 -12.64 -0.25
N PRO A 299 -5.70 -13.60 0.29
CA PRO A 299 -6.32 -14.74 0.97
C PRO A 299 -6.47 -14.57 2.48
N ARG A 300 -6.06 -13.42 3.00
CA ARG A 300 -6.07 -13.25 4.45
C ARG A 300 -7.49 -13.22 5.00
N LEU A 301 -8.32 -12.34 4.45
CA LEU A 301 -9.73 -12.20 4.80
C LEU A 301 -10.48 -12.09 3.48
N THR A 302 -11.52 -12.92 3.32
CA THR A 302 -12.04 -13.16 1.98
C THR A 302 -13.55 -13.12 1.87
N TRP A 303 -14.28 -13.68 2.85
CA TRP A 303 -15.70 -13.94 2.66
C TRP A 303 -16.47 -12.66 2.32
N ASN A 304 -16.17 -11.55 3.00
CA ASN A 304 -16.93 -10.33 2.75
C ASN A 304 -16.68 -9.81 1.34
N THR A 305 -15.43 -9.88 0.89
CA THR A 305 -15.07 -9.36 -0.41
C THR A 305 -15.71 -10.19 -1.51
N VAL A 306 -15.65 -11.51 -1.37
CA VAL A 306 -16.26 -12.38 -2.37
C VAL A 306 -17.74 -12.07 -2.50
N GLU A 307 -18.44 -11.93 -1.36
CA GLU A 307 -19.87 -11.68 -1.40
C GLU A 307 -20.17 -10.31 -1.98
N GLN A 308 -19.46 -9.27 -1.53
CA GLN A 308 -19.75 -7.92 -2.02
C GLN A 308 -19.43 -7.80 -3.50
N VAL A 309 -18.32 -8.39 -3.94
CA VAL A 309 -17.98 -8.36 -5.36
C VAL A 309 -19.07 -9.03 -6.19
N GLU A 310 -19.51 -10.23 -5.76
CA GLU A 310 -20.52 -10.96 -6.53
C GLU A 310 -21.85 -10.21 -6.52
N GLU A 311 -22.23 -9.65 -5.38
CA GLU A 311 -23.48 -8.90 -5.29
C GLU A 311 -23.47 -7.69 -6.21
N ALA A 312 -22.31 -7.10 -6.45
CA ALA A 312 -22.17 -5.97 -7.35
C ALA A 312 -21.99 -6.40 -8.80
N GLY A 313 -22.07 -7.69 -9.08
CA GLY A 313 -21.94 -8.17 -10.45
C GLY A 313 -20.53 -8.38 -10.91
N GLY A 314 -19.55 -8.36 -10.01
CA GLY A 314 -18.17 -8.60 -10.36
C GLY A 314 -17.76 -10.05 -10.13
N ILE A 315 -16.54 -10.35 -10.53
CA ILE A 315 -15.99 -11.69 -10.37
C ILE A 315 -14.76 -11.61 -9.47
N PRO A 316 -14.79 -12.20 -8.28
CA PRO A 316 -13.63 -12.12 -7.39
C PRO A 316 -12.58 -13.12 -7.83
N VAL A 317 -11.32 -12.70 -7.68
CA VAL A 317 -10.16 -13.48 -8.09
C VAL A 317 -9.19 -13.56 -6.93
N LEU A 318 -9.08 -14.74 -6.34
CA LEU A 318 -8.19 -14.93 -5.21
C LEU A 318 -6.74 -14.90 -5.68
N CYS A 319 -5.88 -14.21 -4.92
CA CYS A 319 -4.48 -14.07 -5.25
C CYS A 319 -3.66 -14.04 -3.97
N LYS A 320 -2.44 -14.57 -4.04
CA LYS A 320 -1.48 -14.43 -2.96
C LYS A 320 -1.30 -12.96 -2.61
N SER A 321 -1.04 -12.68 -1.33
CA SER A 321 -0.82 -11.32 -0.90
C SER A 321 0.48 -10.77 -1.49
N GLY A 322 0.62 -9.46 -1.43
CA GLY A 322 1.84 -8.85 -1.89
C GLY A 322 1.63 -8.14 -3.21
N HIS A 323 2.07 -6.88 -3.29
CA HIS A 323 1.65 -6.05 -4.41
C HIS A 323 2.09 -6.61 -5.75
N ALA A 324 3.24 -7.29 -5.81
CA ALA A 324 3.70 -7.80 -7.10
C ALA A 324 2.80 -8.92 -7.62
N PHE A 325 2.38 -9.83 -6.73
CA PHE A 325 1.47 -10.88 -7.15
C PHE A 325 0.11 -10.32 -7.50
N ILE A 326 -0.39 -9.38 -6.69
CA ILE A 326 -1.69 -8.76 -6.97
C ILE A 326 -1.68 -8.09 -8.34
N LYS A 327 -0.65 -7.27 -8.59
CA LYS A 327 -0.61 -6.53 -9.85
C LYS A 327 -0.52 -7.46 -11.05
N GLU A 328 0.31 -8.49 -10.96
CA GLU A 328 0.42 -9.37 -12.12
C GLU A 328 -0.86 -10.18 -12.31
N LYS A 329 -1.53 -10.57 -11.23
CA LYS A 329 -2.83 -11.23 -11.37
C LYS A 329 -3.84 -10.30 -12.00
N MET A 330 -3.88 -9.05 -11.54
CA MET A 330 -4.79 -8.09 -12.16
C MET A 330 -4.52 -7.94 -13.65
N ARG A 331 -3.24 -7.86 -14.02
CA ARG A 331 -2.91 -7.71 -15.44
C ARG A 331 -3.38 -8.92 -16.22
N SER A 332 -3.12 -10.12 -15.71
CA SER A 332 -3.48 -11.30 -16.47
C SER A 332 -4.99 -11.47 -16.58
N GLU A 333 -5.75 -10.88 -15.66
CA GLU A 333 -7.20 -10.98 -15.63
C GLU A 333 -7.92 -9.76 -16.17
N ASN A 334 -7.19 -8.70 -16.56
CA ASN A 334 -7.84 -7.43 -16.90
C ASN A 334 -8.71 -6.95 -15.75
N ALA A 335 -8.28 -7.23 -14.51
CA ALA A 335 -9.09 -6.87 -13.35
C ALA A 335 -9.11 -5.36 -13.19
N VAL A 336 -10.29 -4.84 -12.85
CA VAL A 336 -10.43 -3.39 -12.73
C VAL A 336 -9.86 -2.87 -11.42
N TYR A 337 -9.86 -3.69 -10.38
CA TYR A 337 -9.50 -3.24 -9.04
C TYR A 337 -8.95 -4.44 -8.29
N GLY A 338 -7.99 -4.17 -7.42
CA GLY A 338 -7.54 -5.17 -6.47
C GLY A 338 -7.32 -4.49 -5.13
N GLY A 339 -7.51 -5.26 -4.07
CA GLY A 339 -7.33 -4.68 -2.75
C GLY A 339 -6.78 -5.67 -1.75
N GLU A 340 -5.89 -5.21 -0.89
CA GLU A 340 -5.43 -5.99 0.24
C GLU A 340 -5.99 -5.38 1.52
N MET A 341 -6.19 -6.22 2.53
CA MET A 341 -6.67 -5.71 3.81
C MET A 341 -5.66 -4.79 4.49
N SER A 342 -4.40 -4.83 4.05
CA SER A 342 -3.30 -4.02 4.58
C SER A 342 -3.25 -2.61 3.99
N ALA A 343 -4.42 -2.08 3.56
CA ALA A 343 -4.56 -0.68 3.14
C ALA A 343 -3.84 -0.41 1.82
N HIS A 344 -3.92 -1.37 0.89
CA HIS A 344 -3.32 -1.21 -0.42
C HIS A 344 -4.43 -1.43 -1.44
N HIS A 345 -4.61 -0.48 -2.34
CA HIS A 345 -5.72 -0.51 -3.28
C HIS A 345 -5.18 -0.20 -4.66
N TYR A 346 -5.42 -1.10 -5.61
CA TYR A 346 -4.79 -1.08 -6.92
C TYR A 346 -5.86 -0.86 -7.99
N PHE A 347 -5.53 -0.07 -9.00
CA PHE A 347 -6.52 0.35 -9.98
C PHE A 347 -5.97 0.15 -11.38
N ARG A 348 -6.69 -0.62 -12.20
CA ARG A 348 -6.24 -0.94 -13.54
C ARG A 348 -5.87 0.33 -14.33
N GLU A 349 -6.73 1.34 -14.26
CA GLU A 349 -6.51 2.57 -15.04
C GLU A 349 -5.32 3.36 -14.53
N PHE A 350 -4.92 3.13 -13.28
CA PHE A 350 -3.74 3.76 -12.70
C PHE A 350 -2.50 2.89 -12.90
N ALA A 351 -2.28 2.37 -14.10
CA ALA A 351 -1.14 1.50 -14.40
C ALA A 351 -1.11 0.27 -13.50
N TYR A 352 -2.28 -0.23 -13.11
CA TYR A 352 -2.41 -1.35 -12.17
C TYR A 352 -1.74 -1.07 -10.84
N ALA A 353 -1.49 0.20 -10.52
CA ALA A 353 -0.72 0.54 -9.34
C ALA A 353 -1.62 0.95 -8.20
N ASP A 354 -1.03 1.00 -7.01
CA ASP A 354 -1.75 1.41 -5.83
C ASP A 354 -1.71 2.93 -5.66
N SER A 355 -2.79 3.46 -5.09
CA SER A 355 -2.91 4.88 -4.81
C SER A 355 -3.57 5.03 -3.45
N GLY A 356 -3.04 5.96 -2.66
CA GLY A 356 -3.72 6.35 -1.45
C GLY A 356 -4.67 7.50 -1.64
N MET A 357 -4.80 8.01 -2.87
CA MET A 357 -5.71 9.11 -3.17
C MET A 357 -7.02 8.62 -3.81
N ILE A 358 -6.92 7.74 -4.80
CA ILE A 358 -8.13 7.24 -5.45
C ILE A 358 -9.14 6.71 -4.45
N PRO A 359 -8.75 5.91 -3.44
CA PRO A 359 -9.78 5.34 -2.54
C PRO A 359 -10.62 6.37 -1.83
N TRP A 360 -10.05 7.44 -1.31
CA TRP A 360 -10.91 8.35 -0.56
C TRP A 360 -11.77 9.20 -1.47
N LEU A 361 -11.32 9.47 -2.71
CA LEU A 361 -12.19 10.11 -3.67
C LEU A 361 -13.39 9.23 -3.97
N LEU A 362 -13.15 7.93 -4.15
CA LEU A 362 -14.26 7.01 -4.43
C LEU A 362 -15.21 6.93 -3.24
N ILE A 363 -14.67 6.87 -2.03
CA ILE A 363 -15.54 6.78 -0.86
C ILE A 363 -16.32 8.07 -0.70
N ALA A 364 -15.67 9.22 -0.89
CA ALA A 364 -16.39 10.47 -0.79
C ALA A 364 -17.51 10.54 -1.82
N GLU A 365 -17.26 10.02 -3.03
CA GLU A 365 -18.32 9.99 -4.02
C GLU A 365 -19.46 9.07 -3.58
N LEU A 366 -19.11 7.91 -3.03
CA LEU A 366 -20.14 6.95 -2.59
C LEU A 366 -21.00 7.54 -1.48
N VAL A 367 -20.37 8.20 -0.49
CA VAL A 367 -21.13 8.86 0.56
C VAL A 367 -22.00 9.96 -0.04
N SER A 368 -21.45 10.74 -0.97
CA SER A 368 -22.21 11.83 -1.60
C SER A 368 -23.42 11.31 -2.36
N GLN A 369 -23.23 10.23 -3.12
CA GLN A 369 -24.30 9.78 -4.01
C GLN A 369 -25.37 9.01 -3.25
N SER A 370 -24.96 8.24 -2.25
CA SER A 370 -25.88 7.31 -1.60
C SER A 370 -26.70 7.96 -0.51
N GLY A 371 -26.23 9.07 0.06
CA GLY A 371 -26.83 9.64 1.26
C GLY A 371 -26.56 8.86 2.52
N ARG A 372 -25.70 7.86 2.46
CA ARG A 372 -25.40 7.04 3.63
C ARG A 372 -24.05 7.45 4.19
N SER A 373 -23.92 7.38 5.51
CA SER A 373 -22.64 7.66 6.12
C SER A 373 -21.67 6.51 5.84
N LEU A 374 -20.38 6.82 5.94
CA LEU A 374 -19.39 5.74 5.85
C LEU A 374 -19.68 4.65 6.87
N ALA A 375 -20.04 5.02 8.09
CA ALA A 375 -20.36 4.03 9.10
C ALA A 375 -21.46 3.10 8.60
N ASP A 376 -22.52 3.65 8.04
CA ASP A 376 -23.62 2.79 7.64
C ASP A 376 -23.27 1.98 6.40
N LEU A 377 -22.37 2.48 5.55
CA LEU A 377 -21.93 1.70 4.40
C LEU A 377 -21.22 0.41 4.80
N VAL A 378 -20.57 0.39 5.96
CA VAL A 378 -19.82 -0.79 6.38
C VAL A 378 -20.47 -1.56 7.52
N GLU A 379 -21.40 -0.96 8.27
CA GLU A 379 -21.82 -1.52 9.55
C GLU A 379 -22.29 -2.96 9.42
N ALA A 380 -23.24 -3.21 8.51
CA ALA A 380 -23.80 -4.55 8.37
C ALA A 380 -22.75 -5.54 7.90
N ARG A 381 -21.81 -5.11 7.06
CA ARG A 381 -20.76 -6.01 6.62
C ARG A 381 -19.86 -6.42 7.78
N MET A 382 -19.55 -5.47 8.66
CA MET A 382 -18.71 -5.79 9.81
C MET A 382 -19.42 -6.74 10.76
N GLN A 383 -20.74 -6.60 10.91
CA GLN A 383 -21.50 -7.54 11.72
C GLN A 383 -21.60 -8.90 11.05
N LYS A 384 -21.66 -8.93 9.73
CA LYS A 384 -21.88 -10.19 9.03
C LYS A 384 -20.60 -10.99 8.94
N PHE A 385 -19.45 -10.34 8.82
CA PHE A 385 -18.17 -11.01 8.69
C PHE A 385 -17.19 -10.35 9.65
N PRO A 386 -17.38 -10.55 10.96
CA PRO A 386 -16.45 -9.98 11.93
C PRO A 386 -15.09 -10.66 11.78
N CYS A 387 -14.04 -9.89 12.00
CA CYS A 387 -12.69 -10.42 11.84
C CYS A 387 -11.83 -10.03 13.03
N SER A 388 -10.75 -10.79 13.21
CA SER A 388 -9.85 -10.59 14.34
C SER A 388 -9.01 -9.34 14.18
N GLY A 389 -8.87 -8.83 12.97
CA GLY A 389 -7.76 -7.98 12.66
C GLY A 389 -6.48 -8.81 12.58
N GLU A 390 -5.49 -8.28 11.90
CA GLU A 390 -4.25 -9.02 11.75
C GLU A 390 -3.49 -9.05 13.07
N ILE A 391 -3.16 -10.24 13.52
CA ILE A 391 -2.43 -10.44 14.77
C ILE A 391 -1.10 -11.07 14.42
N ASN A 392 -0.01 -10.45 14.87
CA ASN A 392 1.32 -10.87 14.49
C ASN A 392 1.99 -11.63 15.62
N PHE A 393 2.79 -12.63 15.26
CA PHE A 393 3.47 -13.48 16.23
C PHE A 393 4.92 -13.62 15.80
N LYS A 394 5.84 -13.25 16.68
CA LYS A 394 7.24 -13.65 16.55
C LYS A 394 7.44 -14.80 17.53
N VAL A 395 7.60 -16.01 17.00
CA VAL A 395 7.75 -17.20 17.84
C VAL A 395 9.12 -17.80 17.62
N ALA A 396 9.49 -18.71 18.52
CA ALA A 396 10.81 -19.34 18.43
C ALA A 396 10.93 -20.20 17.18
N ASP A 397 9.84 -20.83 16.76
CA ASP A 397 9.89 -21.80 15.67
C ASP A 397 8.56 -21.69 14.94
N ALA A 398 8.55 -20.89 13.87
CA ALA A 398 7.30 -20.63 13.16
C ALA A 398 6.72 -21.90 12.56
N LYS A 399 7.58 -22.73 11.98
CA LYS A 399 7.11 -23.95 11.33
C LYS A 399 6.47 -24.89 12.34
N ALA A 400 7.16 -25.13 13.48
CA ALA A 400 6.58 -25.97 14.51
C ALA A 400 5.28 -25.38 15.05
N SER A 401 5.22 -24.05 15.16
CA SER A 401 4.02 -23.41 15.69
C SER A 401 2.84 -23.59 14.74
N VAL A 402 3.06 -23.36 13.44
CA VAL A 402 2.02 -23.60 12.45
C VAL A 402 1.57 -25.05 12.51
N ALA A 403 2.51 -25.98 12.66
CA ALA A 403 2.16 -27.40 12.70
C ALA A 403 1.31 -27.71 13.92
N ARG A 404 1.59 -27.06 15.06
CA ARG A 404 0.78 -27.27 16.25
C ARG A 404 -0.65 -26.84 16.01
N VAL A 405 -0.84 -25.70 15.33
CA VAL A 405 -2.18 -25.24 15.02
C VAL A 405 -2.89 -26.26 14.15
N MET A 406 -2.24 -26.68 13.07
CA MET A 406 -2.90 -27.57 12.13
C MET A 406 -3.20 -28.93 12.75
N GLU A 407 -2.29 -29.44 13.57
CA GLU A 407 -2.55 -30.70 14.24
C GLU A 407 -3.76 -30.61 15.16
N HIS A 408 -3.90 -29.47 15.84
CA HIS A 408 -5.01 -29.30 16.77
C HIS A 408 -6.35 -29.36 16.06
N TYR A 409 -6.43 -28.79 14.86
CA TYR A 409 -7.70 -28.69 14.14
C TYR A 409 -7.93 -29.82 13.15
N ALA A 410 -7.00 -30.77 13.05
CA ALA A 410 -7.11 -31.80 12.02
C ALA A 410 -8.41 -32.59 12.13
N SER A 411 -8.87 -32.86 13.35
CA SER A 411 -10.06 -33.69 13.52
C SER A 411 -11.32 -33.03 12.99
N LEU A 412 -11.32 -31.71 12.79
CA LEU A 412 -12.46 -31.02 12.22
C LEU A 412 -12.48 -31.04 10.70
N SER A 413 -11.43 -31.55 10.07
CA SER A 413 -11.33 -31.65 8.62
C SER A 413 -11.68 -30.34 7.90
N PRO A 414 -10.98 -29.25 8.19
CA PRO A 414 -11.24 -28.00 7.48
C PRO A 414 -10.86 -28.15 6.01
N GLU A 415 -11.45 -27.30 5.18
CA GLU A 415 -11.01 -27.18 3.80
C GLU A 415 -9.75 -26.32 3.77
N LEU A 416 -8.68 -26.89 3.22
CA LEU A 416 -7.37 -26.25 3.26
C LEU A 416 -7.01 -25.68 1.90
N ASP A 417 -6.42 -24.50 1.91
CA ASP A 417 -5.92 -23.84 0.71
C ASP A 417 -4.55 -23.26 1.01
N TYR A 418 -3.62 -23.43 0.06
CA TYR A 418 -2.24 -23.04 0.27
C TYR A 418 -1.81 -21.89 -0.65
N THR A 419 -2.76 -21.04 -1.04
CA THR A 419 -2.42 -19.91 -1.91
C THR A 419 -1.37 -19.00 -1.27
N ASP A 420 -1.46 -18.83 0.05
CA ASP A 420 -0.54 -17.92 0.75
C ASP A 420 -0.49 -18.37 2.21
N GLY A 421 0.45 -19.25 2.52
CA GLY A 421 0.47 -19.85 3.84
C GLY A 421 -0.58 -20.94 3.90
N ILE A 422 -1.38 -20.93 4.96
CA ILE A 422 -2.45 -21.89 5.13
C ILE A 422 -3.74 -21.13 5.37
N SER A 423 -4.75 -21.40 4.55
CA SER A 423 -6.11 -20.96 4.80
C SER A 423 -6.94 -22.18 5.13
N ALA A 424 -7.68 -22.11 6.23
CA ALA A 424 -8.47 -23.24 6.70
C ALA A 424 -9.90 -22.75 6.89
N ASP A 425 -10.82 -23.35 6.17
CA ASP A 425 -12.24 -22.97 6.19
C ASP A 425 -12.99 -24.09 6.89
N PHE A 426 -13.53 -23.78 8.06
CA PHE A 426 -14.26 -24.74 8.89
C PHE A 426 -15.77 -24.67 8.70
N GLY A 427 -16.25 -23.81 7.80
CA GLY A 427 -17.67 -23.66 7.59
C GLY A 427 -18.18 -22.34 8.10
N GLN A 428 -18.33 -22.20 9.42
CA GLN A 428 -18.78 -20.95 10.01
C GLN A 428 -17.63 -20.04 10.42
N TRP A 429 -16.39 -20.49 10.25
CA TRP A 429 -15.25 -19.63 10.55
C TRP A 429 -14.08 -20.12 9.71
N ARG A 430 -13.11 -19.23 9.52
CA ARG A 430 -11.94 -19.58 8.74
C ARG A 430 -10.77 -18.78 9.26
N PHE A 431 -9.57 -19.24 8.95
CA PHE A 431 -8.38 -18.46 9.25
C PHE A 431 -7.37 -18.54 8.12
N ASN A 432 -6.50 -17.54 8.08
CA ASN A 432 -5.30 -17.57 7.26
C ASN A 432 -4.12 -17.37 8.19
N LEU A 433 -3.11 -18.22 8.04
CA LEU A 433 -1.90 -18.14 8.85
C LEU A 433 -0.72 -18.23 7.89
N ARG A 434 0.12 -17.20 7.88
CA ARG A 434 1.17 -17.14 6.88
C ARG A 434 2.38 -16.38 7.44
N SER A 435 3.55 -16.72 6.90
CA SER A 435 4.75 -15.95 7.17
C SER A 435 4.73 -14.64 6.38
N SER A 436 5.09 -13.55 7.06
CA SER A 436 5.23 -12.28 6.37
C SER A 436 6.40 -12.32 5.40
N ASN A 437 6.25 -11.57 4.30
CA ASN A 437 7.33 -11.43 3.33
C ASN A 437 8.11 -10.15 3.51
N THR A 438 7.79 -9.36 4.54
CA THR A 438 8.50 -8.12 4.81
C THR A 438 9.14 -8.06 6.20
N GLU A 439 8.72 -8.92 7.12
CA GLU A 439 9.23 -9.04 8.48
C GLU A 439 9.31 -10.52 8.83
N PRO A 440 10.19 -10.91 9.76
CA PRO A 440 10.26 -12.35 10.12
C PRO A 440 9.18 -12.72 11.14
N LEU A 441 7.93 -12.64 10.72
CA LEU A 441 6.78 -12.84 11.59
C LEU A 441 5.78 -13.80 10.96
N LEU A 442 4.95 -14.40 11.82
CA LEU A 442 3.72 -15.04 11.39
C LEU A 442 2.57 -14.05 11.54
N ARG A 443 1.66 -14.04 10.57
CA ARG A 443 0.50 -13.18 10.61
C ARG A 443 -0.77 -14.02 10.61
N LEU A 444 -1.66 -13.76 11.56
CA LEU A 444 -2.91 -14.50 11.68
C LEU A 444 -4.11 -13.60 11.40
N ASN A 445 -5.05 -14.12 10.63
CA ASN A 445 -6.34 -13.47 10.43
C ASN A 445 -7.44 -14.50 10.57
N VAL A 446 -8.48 -14.17 11.33
CA VAL A 446 -9.62 -15.04 11.56
C VAL A 446 -10.89 -14.27 11.22
N GLU A 447 -11.86 -14.93 10.62
CA GLU A 447 -13.19 -14.32 10.45
C GLU A 447 -14.24 -15.39 10.65
N THR A 448 -15.45 -14.95 10.96
CA THR A 448 -16.56 -15.86 11.14
C THR A 448 -17.80 -15.37 10.42
N ARG A 449 -18.79 -16.26 10.34
CA ARG A 449 -20.08 -15.95 9.74
C ARG A 449 -21.00 -15.36 10.81
N GLY A 450 -20.83 -14.06 11.05
CA GLY A 450 -21.70 -13.32 11.95
C GLY A 450 -21.64 -13.73 13.40
N ASP A 451 -20.53 -14.32 13.84
CA ASP A 451 -20.45 -14.88 15.20
C ASP A 451 -19.24 -14.31 15.94
N ALA A 452 -19.49 -13.28 16.75
CA ALA A 452 -18.40 -12.63 17.47
C ALA A 452 -17.81 -13.53 18.55
N ALA A 453 -18.65 -14.38 19.16
CA ALA A 453 -18.16 -15.25 20.22
C ALA A 453 -17.20 -16.30 19.65
N LEU A 454 -17.60 -16.95 18.56
CA LEU A 454 -16.75 -17.92 17.90
C LEU A 454 -15.45 -17.27 17.43
N LEU A 455 -15.55 -16.05 16.91
CA LEU A 455 -14.34 -15.35 16.50
C LEU A 455 -13.36 -15.25 17.66
N GLU A 456 -13.84 -14.83 18.83
CA GLU A 456 -12.94 -14.63 19.95
C GLU A 456 -12.38 -15.95 20.45
N THR A 457 -13.23 -16.96 20.64
CA THR A 457 -12.71 -18.21 21.20
C THR A 457 -11.70 -18.86 20.24
N ARG A 458 -11.99 -18.84 18.94
CA ARG A 458 -11.04 -19.44 18.00
C ARG A 458 -9.77 -18.63 17.89
N THR A 459 -9.89 -17.29 17.85
CA THR A 459 -8.68 -16.46 17.83
C THR A 459 -7.81 -16.75 19.07
N GLN A 460 -8.41 -16.82 20.24
CA GLN A 460 -7.62 -17.07 21.45
C GLN A 460 -7.02 -18.48 21.42
N GLU A 461 -7.78 -19.45 20.92
CA GLU A 461 -7.30 -20.82 20.82
C GLU A 461 -6.07 -20.89 19.93
N ILE A 462 -6.12 -20.26 18.77
CA ILE A 462 -5.00 -20.29 17.84
C ILE A 462 -3.81 -19.55 18.43
N SER A 463 -4.07 -18.41 19.06
CA SER A 463 -3.00 -17.64 19.70
C SER A 463 -2.28 -18.49 20.73
N ASN A 464 -3.03 -19.23 21.56
CA ASN A 464 -2.40 -20.08 22.56
C ASN A 464 -1.53 -21.14 21.92
N LEU A 465 -2.02 -21.76 20.85
CA LEU A 465 -1.23 -22.77 20.14
C LEU A 465 0.05 -22.17 19.56
N LEU A 466 -0.05 -20.98 18.96
CA LEU A 466 1.11 -20.37 18.33
C LEU A 466 2.18 -20.06 19.36
N ARG A 467 1.78 -19.59 20.55
CA ARG A 467 2.71 -19.24 21.61
C ARG A 467 3.15 -20.43 22.44
N GLY A 468 2.62 -21.62 22.17
CA GLY A 468 3.00 -22.82 22.89
C GLY A 468 4.41 -23.28 22.58
CA CA B . 3.71 3.55 2.08
C1 G6P C . 4.17 -4.33 1.44
C2 G6P C . 3.48 -4.78 0.16
C3 G6P C . 2.06 -5.16 0.41
C4 G6P C . 1.97 -6.20 1.46
C5 G6P C . 2.59 -5.62 2.74
C6 G6P C . 2.52 -6.61 3.85
O1 G6P C . 3.52 -3.19 1.92
O2 G6P C . 3.51 -3.70 -0.79
O3 G6P C . 1.49 -5.70 -0.84
O4 G6P C . 0.59 -6.61 1.71
O5 G6P C . 4.02 -5.37 2.47
O6 G6P C . 3.19 -7.76 3.39
P G6P C . 3.41 -9.02 4.48
O1P G6P C . 4.37 -8.56 5.54
O2P G6P C . 2.04 -9.34 5.14
O3P G6P C . 3.96 -10.20 3.74
#